data_2FYZ
#
_entry.id   2FYZ
#
_cell.length_a   161.171
_cell.length_b   60.813
_cell.length_c   40.147
_cell.angle_alpha   90.00
_cell.angle_beta   98.36
_cell.angle_gamma   90.00
#
_symmetry.space_group_name_H-M   'C 1 2 1'
#
loop_
_entity.id
_entity.type
_entity.pdbx_description
1 polymer 'Fusion glycoprotein F0'
2 polymer 'Fusion glycoprotein F0'
3 water water
#
loop_
_entity_poly.entity_id
_entity_poly.type
_entity_poly.pdbx_seq_one_letter_code
_entity_poly.pdbx_strand_id
1 'polypeptide(L)' GPLGSAVSLVQAQTNARAIAAMKNSIQATNRAVFEVKEGTQRLAIAVQAIQDHINTIMNTQLN A,C,E
2 'polypeptide(L)' NMSSGGRGGIDISTELSKVNASLQNTVKYIKESNHQLQSVIVNSKIGA B,D,F
#
# COMPACT_ATOMS: atom_id res chain seq x y z
N SER A 5 -28.97 -14.19 25.10
CA SER A 5 -28.97 -14.05 26.59
C SER A 5 -27.53 -14.00 27.08
N ALA A 6 -27.18 -14.91 27.98
CA ALA A 6 -25.82 -14.99 28.51
C ALA A 6 -24.90 -15.38 27.37
N VAL A 7 -25.47 -15.43 26.18
CA VAL A 7 -24.74 -15.78 24.96
C VAL A 7 -24.60 -14.54 24.09
N SER A 8 -25.64 -13.70 24.09
CA SER A 8 -25.66 -12.47 23.31
C SER A 8 -24.75 -11.43 23.94
N LEU A 9 -24.80 -11.33 25.27
CA LEU A 9 -23.95 -10.37 25.96
C LEU A 9 -22.51 -10.75 25.67
N VAL A 10 -22.26 -12.06 25.59
CA VAL A 10 -20.93 -12.59 25.30
C VAL A 10 -20.55 -12.29 23.86
N GLN A 11 -21.44 -12.60 22.94
CA GLN A 11 -21.22 -12.36 21.50
C GLN A 11 -20.71 -10.94 21.28
N ALA A 12 -21.41 -9.97 21.87
CA ALA A 12 -21.05 -8.57 21.72
C ALA A 12 -19.70 -8.25 22.35
N GLN A 13 -19.33 -9.04 23.35
CA GLN A 13 -18.05 -8.85 24.03
C GLN A 13 -16.96 -9.41 23.12
N THR A 14 -17.24 -10.56 22.52
CA THR A 14 -16.31 -11.19 21.61
C THR A 14 -16.10 -10.27 20.41
N ASN A 15 -17.19 -9.68 19.93
CA ASN A 15 -17.11 -8.77 18.79
C ASN A 15 -16.28 -7.54 19.17
N ALA A 16 -16.44 -7.10 20.42
CA ALA A 16 -15.70 -5.93 20.91
C ALA A 16 -14.20 -6.18 20.83
N ARG A 17 -13.77 -7.35 21.25
CA ARG A 17 -12.34 -7.69 21.23
C ARG A 17 -11.82 -7.78 19.80
N ALA A 18 -12.59 -8.46 18.93
CA ALA A 18 -12.21 -8.60 17.53
C ALA A 18 -12.05 -7.24 16.90
N ILE A 19 -12.97 -6.34 17.21
CA ILE A 19 -12.95 -4.99 16.68
C ILE A 19 -11.67 -4.27 17.13
N ALA A 20 -11.27 -4.52 18.38
CA ALA A 20 -10.07 -3.90 18.94
C ALA A 20 -8.87 -4.43 18.20
N ALA A 21 -8.83 -5.74 17.97
CA ALA A 21 -7.72 -6.34 17.26
C ALA A 21 -7.65 -5.83 15.82
N MET A 22 -8.81 -5.57 15.21
CA MET A 22 -8.79 -5.07 13.84
C MET A 22 -8.29 -3.64 13.77
N LYS A 23 -8.60 -2.85 14.79
CA LYS A 23 -8.13 -1.48 14.83
C LYS A 23 -6.60 -1.52 14.77
N ASN A 24 -5.99 -2.33 15.63
CA ASN A 24 -4.52 -2.45 15.63
C ASN A 24 -4.06 -2.92 14.26
N SER A 25 -4.80 -3.84 13.67
CA SER A 25 -4.45 -4.35 12.35
C SER A 25 -4.40 -3.23 11.32
N ILE A 26 -5.46 -2.43 11.25
CA ILE A 26 -5.51 -1.34 10.29
C ILE A 26 -4.42 -0.32 10.55
N GLN A 27 -4.09 -0.11 11.83
CA GLN A 27 -3.03 0.83 12.18
C GLN A 27 -1.69 0.33 11.62
N ALA A 28 -1.44 -0.96 11.78
CA ALA A 28 -0.21 -1.55 11.26
C ALA A 28 -0.23 -1.47 9.74
N THR A 29 -1.40 -1.66 9.13
CA THR A 29 -1.51 -1.59 7.67
C THR A 29 -1.22 -0.18 7.15
N ASN A 30 -1.74 0.83 7.82
CA ASN A 30 -1.49 2.20 7.38
C ASN A 30 -0.02 2.54 7.44
N ARG A 31 0.69 2.06 8.46
CA ARG A 31 2.12 2.33 8.55
C ARG A 31 2.84 1.65 7.37
N ALA A 32 2.33 0.50 6.94
CA ALA A 32 2.90 -0.21 5.80
C ALA A 32 2.70 0.58 4.50
N VAL A 33 1.54 1.19 4.36
CA VAL A 33 1.23 1.98 3.17
C VAL A 33 2.20 3.15 3.11
N PHE A 34 2.39 3.80 4.25
CA PHE A 34 3.30 4.93 4.31
C PHE A 34 4.71 4.47 3.94
N GLU A 35 5.10 3.30 4.43
CA GLU A 35 6.43 2.79 4.15
C GLU A 35 6.64 2.57 2.66
N VAL A 36 5.63 2.06 1.97
CA VAL A 36 5.77 1.87 0.54
C VAL A 36 5.73 3.23 -0.14
N LYS A 37 4.92 4.14 0.39
CA LYS A 37 4.84 5.49 -0.18
C LYS A 37 6.24 6.13 -0.07
N GLU A 38 6.84 6.04 1.10
CA GLU A 38 8.18 6.58 1.32
C GLU A 38 9.18 5.88 0.40
N GLY A 39 9.01 4.58 0.24
CA GLY A 39 9.91 3.85 -0.63
C GLY A 39 9.86 4.37 -2.06
N THR A 40 8.64 4.52 -2.58
CA THR A 40 8.49 5.02 -3.94
C THR A 40 8.99 6.46 -4.04
N GLN A 41 8.74 7.28 -3.03
CA GLN A 41 9.18 8.66 -3.08
C GLN A 41 10.70 8.72 -3.14
N ARG A 42 11.36 7.92 -2.32
CA ARG A 42 12.82 7.89 -2.32
C ARG A 42 13.36 7.35 -3.64
N LEU A 43 12.61 6.44 -4.27
CA LEU A 43 13.04 5.89 -5.54
C LEU A 43 12.96 6.97 -6.62
N ALA A 44 11.87 7.74 -6.60
CA ALA A 44 11.66 8.82 -7.55
C ALA A 44 12.78 9.86 -7.42
N ILE A 45 13.21 10.11 -6.20
CA ILE A 45 14.27 11.08 -5.96
C ILE A 45 15.57 10.55 -6.57
N ALA A 46 15.79 9.25 -6.43
CA ALA A 46 16.97 8.62 -6.98
C ALA A 46 16.94 8.72 -8.50
N VAL A 47 15.75 8.54 -9.08
CA VAL A 47 15.59 8.61 -10.52
C VAL A 47 15.87 10.02 -11.03
N GLN A 48 15.28 11.00 -10.36
CA GLN A 48 15.48 12.40 -10.74
C GLN A 48 16.98 12.68 -10.70
N ALA A 49 17.65 12.15 -9.69
CA ALA A 49 19.09 12.34 -9.55
C ALA A 49 19.81 11.76 -10.76
N ILE A 50 19.41 10.57 -11.16
CA ILE A 50 20.01 9.91 -12.31
C ILE A 50 19.78 10.74 -13.56
N GLN A 51 18.58 11.30 -13.70
CA GLN A 51 18.27 12.12 -14.86
C GLN A 51 19.25 13.29 -14.92
N ASP A 52 19.44 13.95 -13.78
CA ASP A 52 20.36 15.08 -13.73
C ASP A 52 21.78 14.65 -14.07
N HIS A 53 22.24 13.56 -13.48
CA HIS A 53 23.59 13.07 -13.73
C HIS A 53 23.84 12.92 -15.22
N ILE A 54 22.86 12.34 -15.91
CA ILE A 54 22.98 12.13 -17.34
C ILE A 54 23.12 13.46 -18.07
N ASN A 55 22.37 14.47 -17.66
CA ASN A 55 22.46 15.78 -18.31
C ASN A 55 23.78 16.48 -18.00
N THR A 56 24.21 16.37 -16.75
CA THR A 56 25.45 17.00 -16.28
C THR A 56 26.72 16.58 -17.03
N ILE A 57 27.71 16.10 -16.30
CA ILE A 57 28.98 15.67 -16.87
C ILE A 57 28.79 14.41 -17.71
N MET A 58 27.86 14.50 -18.66
CA MET A 58 27.54 13.39 -19.55
C MET A 58 27.03 13.90 -20.89
N ASN A 59 25.98 14.71 -20.85
CA ASN A 59 25.41 15.26 -22.06
C ASN A 59 26.28 16.40 -22.57
N THR A 60 27.45 16.55 -21.97
CA THR A 60 28.40 17.61 -22.35
C THR A 60 29.78 17.01 -22.63
N GLN A 61 29.85 15.68 -22.64
CA GLN A 61 31.11 14.97 -22.91
C GLN A 61 30.91 13.73 -23.79
N ASP B 11 25.58 8.71 -2.87
CA ASP B 11 24.35 9.55 -2.99
C ASP B 11 23.18 8.75 -3.57
N ILE B 12 23.36 8.20 -4.76
CA ILE B 12 22.32 7.40 -5.37
C ILE B 12 22.26 6.04 -4.70
N SER B 13 23.41 5.46 -4.40
CA SER B 13 23.47 4.17 -3.73
C SER B 13 22.86 4.30 -2.35
N THR B 14 23.11 5.44 -1.71
CA THR B 14 22.60 5.72 -0.38
C THR B 14 21.10 5.83 -0.46
N GLU B 15 20.64 6.55 -1.49
CA GLU B 15 19.22 6.77 -1.69
C GLU B 15 18.53 5.46 -2.02
N LEU B 16 19.21 4.59 -2.78
CA LEU B 16 18.63 3.31 -3.14
C LEU B 16 18.59 2.39 -1.93
N SER B 17 19.58 2.52 -1.06
CA SER B 17 19.62 1.72 0.15
C SER B 17 18.42 2.11 1.03
N LYS B 18 18.16 3.41 1.13
CA LYS B 18 17.04 3.90 1.93
C LYS B 18 15.72 3.36 1.35
N VAL B 19 15.61 3.36 0.03
CA VAL B 19 14.42 2.87 -0.63
C VAL B 19 14.12 1.45 -0.14
N ASN B 20 15.14 0.60 -0.14
CA ASN B 20 14.94 -0.77 0.27
C ASN B 20 14.66 -0.95 1.76
N ALA B 21 15.21 -0.06 2.58
CA ALA B 21 14.96 -0.14 4.01
C ALA B 21 13.46 0.08 4.23
N SER B 22 12.92 1.08 3.53
CA SER B 22 11.49 1.41 3.64
C SER B 22 10.61 0.25 3.20
N LEU B 23 10.94 -0.35 2.06
CA LEU B 23 10.15 -1.46 1.56
C LEU B 23 10.14 -2.61 2.56
N GLN B 24 11.30 -2.89 3.16
CA GLN B 24 11.36 -3.96 4.14
C GLN B 24 10.52 -3.64 5.37
N ASN B 25 10.48 -2.37 5.76
CA ASN B 25 9.68 -1.98 6.91
C ASN B 25 8.21 -2.16 6.56
N THR B 26 7.90 -2.07 5.28
CA THR B 26 6.53 -2.25 4.85
C THR B 26 6.10 -3.66 5.17
N VAL B 27 6.98 -4.61 4.87
CA VAL B 27 6.68 -6.00 5.12
C VAL B 27 6.55 -6.23 6.62
N LYS B 28 7.43 -5.59 7.38
CA LYS B 28 7.39 -5.68 8.83
C LYS B 28 6.01 -5.32 9.40
N TYR B 29 5.44 -4.21 8.92
CA TYR B 29 4.13 -3.81 9.44
C TYR B 29 3.02 -4.67 8.89
N ILE B 30 3.23 -5.22 7.70
CA ILE B 30 2.19 -6.08 7.15
C ILE B 30 2.09 -7.30 8.05
N LYS B 31 3.23 -7.86 8.45
CA LYS B 31 3.19 -9.02 9.33
C LYS B 31 2.53 -8.70 10.66
N GLU B 32 2.80 -7.52 11.20
CA GLU B 32 2.20 -7.12 12.46
C GLU B 32 0.69 -7.10 12.27
N SER B 33 0.26 -6.44 11.19
CA SER B 33 -1.15 -6.34 10.89
C SER B 33 -1.84 -7.70 10.81
N ASN B 34 -1.24 -8.65 10.10
CA ASN B 34 -1.85 -9.97 10.01
C ASN B 34 -1.81 -10.69 11.34
N HIS B 35 -0.74 -10.47 12.11
CA HIS B 35 -0.64 -11.08 13.42
C HIS B 35 -1.86 -10.67 14.25
N GLN B 36 -2.12 -9.37 14.29
CA GLN B 36 -3.26 -8.84 15.04
C GLN B 36 -4.58 -9.48 14.59
N LEU B 37 -4.70 -9.80 13.31
CA LEU B 37 -5.91 -10.42 12.78
C LEU B 37 -6.06 -11.86 13.24
N GLN B 38 -4.95 -12.49 13.62
CA GLN B 38 -4.96 -13.89 14.06
C GLN B 38 -5.92 -14.13 15.22
N SER B 39 -6.37 -13.05 15.85
CA SER B 39 -7.28 -13.14 16.97
C SER B 39 -8.74 -13.13 16.51
N VAL B 40 -9.04 -12.30 15.51
CA VAL B 40 -10.40 -12.19 14.97
C VAL B 40 -10.92 -13.52 14.45
N ILE B 41 -12.01 -13.99 15.05
CA ILE B 41 -12.65 -15.27 14.70
C ILE B 41 -11.81 -16.43 15.21
N VAL B 42 -10.62 -16.14 15.71
CA VAL B 42 -9.75 -17.18 16.20
C VAL B 42 -9.57 -18.28 15.17
N SER C 5 -30.28 -7.50 28.95
CA SER C 5 -30.48 -7.10 27.53
C SER C 5 -30.09 -5.65 27.27
N ALA C 6 -30.53 -4.76 28.14
CA ALA C 6 -30.23 -3.33 28.00
C ALA C 6 -28.74 -3.03 27.87
N VAL C 7 -27.89 -3.97 28.27
CA VAL C 7 -26.45 -3.74 28.16
C VAL C 7 -25.95 -4.21 26.81
N SER C 8 -26.29 -5.45 26.49
CA SER C 8 -25.92 -6.06 25.22
C SER C 8 -26.44 -5.20 24.07
N LEU C 9 -27.49 -4.42 24.35
CA LEU C 9 -28.08 -3.53 23.36
C LEU C 9 -27.08 -2.46 22.99
N VAL C 10 -26.73 -1.63 23.99
CA VAL C 10 -25.78 -0.55 23.82
C VAL C 10 -24.51 -1.09 23.17
N GLN C 11 -24.01 -2.20 23.71
CA GLN C 11 -22.81 -2.84 23.21
C GLN C 11 -22.92 -3.14 21.73
N ALA C 12 -24.01 -3.80 21.35
CA ALA C 12 -24.25 -4.15 19.95
C ALA C 12 -24.27 -2.92 19.06
N GLN C 13 -24.99 -1.89 19.47
CA GLN C 13 -25.07 -0.66 18.69
C GLN C 13 -23.66 -0.06 18.57
N THR C 14 -22.97 0.02 19.70
CA THR C 14 -21.62 0.57 19.74
C THR C 14 -20.70 -0.18 18.77
N ASN C 15 -20.69 -1.51 18.85
CA ASN C 15 -19.86 -2.28 17.94
C ASN C 15 -20.27 -2.04 16.49
N ALA C 16 -21.55 -1.91 16.24
CA ALA C 16 -22.05 -1.64 14.89
C ALA C 16 -21.42 -0.35 14.36
N ARG C 17 -21.43 0.69 15.19
CA ARG C 17 -20.87 1.97 14.78
C ARG C 17 -19.35 1.89 14.63
N ALA C 18 -18.71 1.09 15.47
CA ALA C 18 -17.27 0.93 15.38
C ALA C 18 -16.93 0.28 14.04
N ILE C 19 -17.70 -0.73 13.68
CA ILE C 19 -17.50 -1.44 12.42
C ILE C 19 -17.75 -0.52 11.22
N ALA C 20 -18.79 0.31 11.30
CA ALA C 20 -19.08 1.23 10.20
C ALA C 20 -17.90 2.18 10.04
N ALA C 21 -17.31 2.59 11.16
CA ALA C 21 -16.16 3.49 11.14
C ALA C 21 -14.92 2.81 10.52
N MET C 22 -14.70 1.54 10.84
CA MET C 22 -13.56 0.82 10.31
C MET C 22 -13.67 0.56 8.81
N LYS C 23 -14.90 0.50 8.30
CA LYS C 23 -15.14 0.28 6.88
C LYS C 23 -14.65 1.51 6.11
N ASN C 24 -15.02 2.69 6.59
CA ASN C 24 -14.59 3.92 5.95
C ASN C 24 -13.06 3.98 5.99
N SER C 25 -12.49 3.60 7.12
CA SER C 25 -11.04 3.61 7.30
C SER C 25 -10.38 2.75 6.21
N ILE C 26 -10.83 1.50 6.09
CA ILE C 26 -10.28 0.60 5.07
C ILE C 26 -10.52 1.13 3.65
N GLN C 27 -11.66 1.76 3.44
CA GLN C 27 -11.94 2.32 2.12
C GLN C 27 -10.94 3.43 1.82
N ALA C 28 -10.50 4.13 2.87
CA ALA C 28 -9.54 5.21 2.71
C ALA C 28 -8.15 4.59 2.50
N THR C 29 -7.85 3.54 3.26
CA THR C 29 -6.58 2.86 3.14
C THR C 29 -6.43 2.28 1.74
N ASN C 30 -7.51 1.73 1.20
CA ASN C 30 -7.44 1.17 -0.15
C ASN C 30 -7.10 2.23 -1.17
N ARG C 31 -7.70 3.41 -1.01
CA ARG C 31 -7.44 4.53 -1.93
C ARG C 31 -5.98 4.93 -1.86
N ALA C 32 -5.39 4.89 -0.66
CA ALA C 32 -3.99 5.25 -0.51
C ALA C 32 -3.10 4.25 -1.25
N VAL C 33 -3.36 2.96 -1.06
CA VAL C 33 -2.57 1.92 -1.72
C VAL C 33 -2.62 2.09 -3.24
N PHE C 34 -3.80 2.42 -3.75
CA PHE C 34 -3.99 2.63 -5.18
C PHE C 34 -3.14 3.81 -5.66
N GLU C 35 -3.01 4.83 -4.83
CA GLU C 35 -2.22 6.01 -5.18
C GLU C 35 -0.73 5.73 -5.23
N VAL C 36 -0.26 4.92 -4.29
CA VAL C 36 1.17 4.59 -4.28
C VAL C 36 1.41 3.77 -5.54
N LYS C 37 0.48 2.86 -5.84
CA LYS C 37 0.57 2.03 -7.02
C LYS C 37 0.69 2.93 -8.25
N GLU C 38 -0.17 3.94 -8.34
CA GLU C 38 -0.12 4.88 -9.46
C GLU C 38 1.22 5.59 -9.52
N GLY C 39 1.75 5.93 -8.35
CA GLY C 39 3.02 6.61 -8.29
C GLY C 39 4.17 5.74 -8.79
N THR C 40 4.13 4.47 -8.43
CA THR C 40 5.16 3.54 -8.86
C THR C 40 5.00 3.25 -10.35
N GLN C 41 3.76 3.25 -10.80
CA GLN C 41 3.48 3.00 -12.21
C GLN C 41 4.03 4.13 -13.07
N ARG C 42 3.78 5.36 -12.66
CA ARG C 42 4.28 6.51 -13.43
C ARG C 42 5.80 6.59 -13.34
N LEU C 43 6.36 6.18 -12.21
CA LEU C 43 7.81 6.21 -12.04
C LEU C 43 8.41 5.16 -12.98
N ALA C 44 7.67 4.08 -13.20
CA ALA C 44 8.11 3.02 -14.09
C ALA C 44 8.26 3.59 -15.49
N ILE C 45 7.30 4.43 -15.87
CA ILE C 45 7.32 5.06 -17.19
C ILE C 45 8.57 5.94 -17.33
N ALA C 46 8.87 6.71 -16.30
CA ALA C 46 10.05 7.58 -16.33
C ALA C 46 11.33 6.76 -16.41
N VAL C 47 11.36 5.63 -15.71
CA VAL C 47 12.54 4.77 -15.71
C VAL C 47 12.85 4.16 -17.08
N GLN C 48 11.82 3.68 -17.76
CA GLN C 48 12.03 3.09 -19.07
C GLN C 48 12.47 4.18 -20.04
N ALA C 49 11.93 5.39 -19.87
CA ALA C 49 12.32 6.50 -20.73
C ALA C 49 13.78 6.84 -20.52
N ILE C 50 14.26 6.72 -19.29
CA ILE C 50 15.66 7.00 -19.03
C ILE C 50 16.47 5.87 -19.67
N GLN C 51 15.98 4.64 -19.58
CA GLN C 51 16.68 3.52 -20.18
C GLN C 51 16.76 3.71 -21.70
N ASP C 52 15.66 4.17 -22.30
CA ASP C 52 15.66 4.38 -23.73
C ASP C 52 16.70 5.42 -24.12
N HIS C 53 16.69 6.56 -23.43
CA HIS C 53 17.64 7.62 -23.75
C HIS C 53 19.09 7.18 -23.65
N ILE C 54 19.38 6.32 -22.69
CA ILE C 54 20.74 5.82 -22.52
C ILE C 54 21.13 4.95 -23.72
N ASN C 55 20.19 4.81 -24.66
CA ASN C 55 20.42 4.04 -25.88
C ASN C 55 20.09 4.94 -27.05
N THR C 56 18.83 5.36 -27.10
CA THR C 56 18.33 6.23 -28.14
C THR C 56 19.44 7.15 -28.66
N ILE C 57 20.06 7.89 -27.76
CA ILE C 57 21.13 8.81 -28.13
C ILE C 57 22.48 8.39 -27.58
N MET C 58 22.52 8.06 -26.30
CA MET C 58 23.76 7.66 -25.66
C MET C 58 24.47 6.52 -26.38
N ASN C 59 23.70 5.57 -26.90
CA ASN C 59 24.29 4.44 -27.62
C ASN C 59 25.03 4.92 -28.85
N THR C 60 24.28 5.39 -29.83
CA THR C 60 24.82 5.89 -31.09
C THR C 60 25.80 7.05 -30.86
N GLN C 61 25.43 8.02 -30.02
CA GLN C 61 26.30 9.17 -29.78
C GLN C 61 27.47 8.87 -28.87
N LEU C 62 28.04 7.68 -29.03
CA LEU C 62 29.19 7.22 -28.23
C LEU C 62 29.55 5.73 -28.45
N ASP D 11 7.82 14.18 -21.18
CA ASP D 11 8.93 14.76 -20.36
C ASP D 11 9.12 13.92 -19.10
N ILE D 12 10.36 13.85 -18.63
CA ILE D 12 10.67 13.07 -17.43
C ILE D 12 10.29 13.83 -16.17
N SER D 13 10.58 15.12 -16.13
CA SER D 13 10.26 15.96 -14.99
C SER D 13 8.75 15.97 -14.79
N THR D 14 8.03 15.96 -15.91
CA THR D 14 6.58 15.96 -15.90
C THR D 14 6.06 14.68 -15.26
N GLU D 15 6.61 13.55 -15.67
CA GLU D 15 6.20 12.27 -15.12
C GLU D 15 6.52 12.22 -13.64
N LEU D 16 7.68 12.75 -13.27
CA LEU D 16 8.06 12.72 -11.87
C LEU D 16 7.17 13.58 -10.98
N SER D 17 6.68 14.70 -11.50
CA SER D 17 5.80 15.55 -10.71
C SER D 17 4.49 14.79 -10.54
N LYS D 18 4.06 14.08 -11.58
CA LYS D 18 2.83 13.30 -11.47
C LYS D 18 3.03 12.21 -10.41
N VAL D 19 4.24 11.66 -10.35
CA VAL D 19 4.56 10.63 -9.36
C VAL D 19 4.41 11.26 -7.98
N ASN D 20 4.96 12.47 -7.84
CA ASN D 20 4.90 13.17 -6.58
C ASN D 20 3.45 13.44 -6.15
N ALA D 21 2.64 13.87 -7.11
CA ALA D 21 1.24 14.15 -6.86
C ALA D 21 0.53 12.93 -6.27
N SER D 22 0.75 11.77 -6.90
CA SER D 22 0.15 10.53 -6.45
C SER D 22 0.56 10.18 -5.03
N LEU D 23 1.85 10.19 -4.76
CA LEU D 23 2.32 9.88 -3.42
C LEU D 23 1.74 10.85 -2.40
N GLN D 24 1.50 12.09 -2.82
CA GLN D 24 0.92 13.09 -1.94
C GLN D 24 -0.53 12.72 -1.66
N ASN D 25 -1.22 12.21 -2.67
CA ASN D 25 -2.62 11.80 -2.49
C ASN D 25 -2.70 10.57 -1.58
N THR D 26 -1.68 9.72 -1.63
CA THR D 26 -1.65 8.55 -0.77
C THR D 26 -1.66 8.99 0.68
N VAL D 27 -0.79 9.93 1.02
CA VAL D 27 -0.69 10.45 2.37
C VAL D 27 -2.04 11.03 2.83
N LYS D 28 -2.65 11.83 1.97
CA LYS D 28 -3.95 12.42 2.29
C LYS D 28 -4.94 11.34 2.70
N TYR D 29 -4.94 10.22 1.97
CA TYR D 29 -5.85 9.12 2.27
C TYR D 29 -5.46 8.36 3.54
N ILE D 30 -4.16 8.22 3.77
CA ILE D 30 -3.73 7.57 4.98
C ILE D 30 -4.29 8.39 6.16
N LYS D 31 -4.20 9.71 6.05
CA LYS D 31 -4.71 10.58 7.11
C LYS D 31 -6.21 10.41 7.26
N GLU D 32 -6.90 10.24 6.14
CA GLU D 32 -8.35 10.05 6.19
C GLU D 32 -8.64 8.74 6.90
N SER D 33 -7.85 7.71 6.58
CA SER D 33 -8.04 6.41 7.19
C SER D 33 -7.83 6.52 8.69
N ASN D 34 -6.72 7.15 9.10
CA ASN D 34 -6.45 7.29 10.52
C ASN D 34 -7.51 8.11 11.23
N HIS D 35 -8.13 9.05 10.53
CA HIS D 35 -9.17 9.88 11.13
C HIS D 35 -10.41 9.04 11.46
N GLN D 36 -10.79 8.17 10.53
CA GLN D 36 -11.95 7.33 10.74
C GLN D 36 -11.67 6.34 11.86
N LEU D 37 -10.51 5.70 11.76
CA LEU D 37 -10.09 4.69 12.73
C LEU D 37 -10.15 5.19 14.17
N GLN D 38 -9.78 6.44 14.39
CA GLN D 38 -9.78 6.98 15.75
C GLN D 38 -11.18 7.04 16.38
N SER D 39 -12.22 6.88 15.57
CA SER D 39 -13.58 6.92 16.08
C SER D 39 -13.95 5.59 16.75
N VAL D 40 -13.09 4.58 16.60
CA VAL D 40 -13.35 3.27 17.18
C VAL D 40 -12.93 3.13 18.63
N ILE D 41 -13.88 2.69 19.46
CA ILE D 41 -13.74 2.42 20.90
C ILE D 41 -14.40 3.47 21.80
N GLY E 1 -38.59 -4.25 25.71
CA GLY E 1 -39.41 -5.40 26.21
C GLY E 1 -39.03 -6.63 25.44
N PRO E 2 -38.39 -7.64 26.07
CA PRO E 2 -37.95 -8.89 25.44
C PRO E 2 -37.68 -8.89 23.91
N LEU E 3 -37.98 -7.76 23.28
CA LEU E 3 -37.80 -7.53 21.85
C LEU E 3 -36.43 -6.87 21.76
N GLY E 4 -36.14 -5.99 22.71
CA GLY E 4 -34.85 -5.32 22.72
C GLY E 4 -33.72 -6.34 22.80
N SER E 5 -33.98 -7.44 23.50
CA SER E 5 -33.01 -8.50 23.63
C SER E 5 -32.85 -9.18 22.27
N ALA E 6 -33.99 -9.42 21.62
CA ALA E 6 -33.99 -10.04 20.31
C ALA E 6 -33.27 -9.13 19.31
N VAL E 7 -33.44 -7.82 19.48
CA VAL E 7 -32.83 -6.83 18.61
C VAL E 7 -31.30 -6.78 18.71
N SER E 8 -30.78 -6.85 19.93
CA SER E 8 -29.34 -6.81 20.14
C SER E 8 -28.74 -8.14 19.70
N LEU E 9 -29.45 -9.23 19.97
CA LEU E 9 -28.97 -10.55 19.58
C LEU E 9 -28.78 -10.59 18.07
N VAL E 10 -29.72 -10.02 17.34
CA VAL E 10 -29.63 -10.00 15.89
C VAL E 10 -28.49 -9.06 15.44
N GLN E 11 -28.41 -7.88 16.07
CA GLN E 11 -27.36 -6.94 15.71
C GLN E 11 -26.02 -7.61 15.98
N ALA E 12 -25.95 -8.34 17.09
CA ALA E 12 -24.75 -9.06 17.47
C ALA E 12 -24.35 -10.07 16.40
N GLN E 13 -25.34 -10.78 15.86
CA GLN E 13 -25.08 -11.77 14.82
C GLN E 13 -24.68 -11.10 13.52
N THR E 14 -25.20 -9.90 13.30
CA THR E 14 -24.89 -9.14 12.11
C THR E 14 -23.44 -8.65 12.20
N ASN E 15 -23.11 -8.06 13.34
CA ASN E 15 -21.76 -7.57 13.55
C ASN E 15 -20.71 -8.66 13.40
N ALA E 16 -21.00 -9.85 13.90
CA ALA E 16 -20.07 -10.95 13.80
C ALA E 16 -19.81 -11.28 12.32
N ARG E 17 -20.86 -11.22 11.51
CA ARG E 17 -20.70 -11.50 10.07
C ARG E 17 -19.92 -10.37 9.43
N ALA E 18 -20.27 -9.14 9.79
CA ALA E 18 -19.59 -7.96 9.25
C ALA E 18 -18.10 -8.07 9.53
N ILE E 19 -17.76 -8.44 10.76
CA ILE E 19 -16.38 -8.58 11.21
C ILE E 19 -15.58 -9.58 10.39
N ALA E 20 -16.10 -10.79 10.28
CA ALA E 20 -15.41 -11.83 9.51
C ALA E 20 -15.08 -11.31 8.12
N ALA E 21 -16.05 -10.65 7.48
CA ALA E 21 -15.83 -10.10 6.15
C ALA E 21 -14.72 -9.02 6.21
N MET E 22 -14.80 -8.13 7.19
CA MET E 22 -13.79 -7.09 7.32
C MET E 22 -12.39 -7.68 7.45
N LYS E 23 -12.28 -8.78 8.20
CA LYS E 23 -10.99 -9.44 8.36
C LYS E 23 -10.48 -9.80 6.96
N ASN E 24 -11.33 -10.43 6.16
CA ASN E 24 -10.92 -10.81 4.81
C ASN E 24 -10.54 -9.55 4.01
N SER E 25 -11.23 -8.44 4.25
CA SER E 25 -10.91 -7.21 3.56
C SER E 25 -9.50 -6.73 3.89
N ILE E 26 -9.20 -6.64 5.19
CA ILE E 26 -7.90 -6.19 5.63
C ILE E 26 -6.79 -7.08 5.07
N GLN E 27 -7.01 -8.39 5.09
CA GLN E 27 -6.01 -9.32 4.57
C GLN E 27 -5.78 -9.09 3.08
N ALA E 28 -6.85 -8.79 2.34
CA ALA E 28 -6.71 -8.56 0.92
C ALA E 28 -5.98 -7.22 0.71
N THR E 29 -6.22 -6.29 1.61
CA THR E 29 -5.55 -4.99 1.51
C THR E 29 -4.06 -5.14 1.80
N ASN E 30 -3.72 -5.98 2.76
CA ASN E 30 -2.31 -6.19 3.08
C ASN E 30 -1.61 -6.81 1.88
N ARG E 31 -2.29 -7.71 1.19
CA ARG E 31 -1.71 -8.35 0.02
C ARG E 31 -1.46 -7.29 -1.07
N ALA E 32 -2.39 -6.37 -1.23
CA ALA E 32 -2.22 -5.30 -2.23
C ALA E 32 -1.02 -4.44 -1.85
N VAL E 33 -0.89 -4.12 -0.57
CA VAL E 33 0.23 -3.31 -0.10
C VAL E 33 1.53 -4.08 -0.38
N PHE E 34 1.52 -5.38 -0.12
CA PHE E 34 2.73 -6.17 -0.38
C PHE E 34 3.06 -6.12 -1.87
N GLU E 35 2.03 -6.18 -2.71
CA GLU E 35 2.26 -6.15 -4.15
C GLU E 35 2.88 -4.84 -4.61
N VAL E 36 2.40 -3.72 -4.07
CA VAL E 36 2.97 -2.43 -4.44
C VAL E 36 4.42 -2.39 -3.99
N LYS E 37 4.71 -2.97 -2.83
CA LYS E 37 6.06 -3.01 -2.31
C LYS E 37 6.97 -3.78 -3.27
N GLU E 38 6.53 -4.97 -3.66
CA GLU E 38 7.32 -5.79 -4.59
C GLU E 38 7.54 -5.02 -5.90
N GLY E 39 6.50 -4.35 -6.38
CA GLY E 39 6.64 -3.59 -7.61
C GLY E 39 7.67 -2.47 -7.52
N THR E 40 7.67 -1.77 -6.40
CA THR E 40 8.62 -0.68 -6.20
C THR E 40 10.02 -1.26 -6.04
N GLN E 41 10.08 -2.43 -5.42
CA GLN E 41 11.35 -3.13 -5.21
C GLN E 41 11.93 -3.50 -6.58
N ARG E 42 11.09 -4.05 -7.44
CA ARG E 42 11.51 -4.44 -8.79
C ARG E 42 12.00 -3.21 -9.51
N LEU E 43 11.25 -2.13 -9.40
CA LEU E 43 11.61 -0.89 -10.08
C LEU E 43 12.96 -0.42 -9.54
N ALA E 44 13.16 -0.55 -8.23
CA ALA E 44 14.40 -0.12 -7.60
C ALA E 44 15.56 -0.95 -8.16
N ILE E 45 15.34 -2.24 -8.33
CA ILE E 45 16.36 -3.11 -8.87
C ILE E 45 16.68 -2.67 -10.31
N ALA E 46 15.65 -2.30 -11.06
CA ALA E 46 15.83 -1.85 -12.43
C ALA E 46 16.62 -0.55 -12.45
N VAL E 47 16.27 0.33 -11.52
CA VAL E 47 16.95 1.61 -11.40
C VAL E 47 18.41 1.43 -11.02
N GLN E 48 18.68 0.46 -10.16
CA GLN E 48 20.05 0.17 -9.73
C GLN E 48 20.87 -0.34 -10.91
N ALA E 49 20.22 -1.07 -11.82
CA ALA E 49 20.92 -1.61 -12.97
C ALA E 49 21.22 -0.50 -13.99
N ILE E 50 20.31 0.47 -14.09
CA ILE E 50 20.48 1.59 -15.01
C ILE E 50 21.60 2.48 -14.47
N GLN E 51 21.76 2.49 -13.16
CA GLN E 51 22.80 3.27 -12.52
C GLN E 51 24.17 2.66 -12.82
N ASP E 52 24.29 1.35 -12.61
CA ASP E 52 25.56 0.66 -12.87
C ASP E 52 26.00 0.91 -14.30
N HIS E 53 25.05 0.81 -15.24
CA HIS E 53 25.34 1.02 -16.64
C HIS E 53 25.92 2.40 -16.91
N ILE E 54 25.28 3.42 -16.34
CA ILE E 54 25.71 4.79 -16.51
C ILE E 54 27.12 5.06 -16.00
N ASN E 55 27.51 4.38 -14.92
CA ASN E 55 28.83 4.60 -14.37
C ASN E 55 29.85 3.57 -14.83
N THR E 56 29.47 2.75 -15.80
CA THR E 56 30.40 1.76 -16.33
C THR E 56 30.55 1.94 -17.83
N ILE E 57 29.70 1.26 -18.59
CA ILE E 57 29.72 1.32 -20.05
C ILE E 57 29.59 2.77 -20.54
N MET E 58 29.28 3.68 -19.63
CA MET E 58 29.14 5.09 -19.98
C MET E 58 30.20 5.93 -19.27
N ASN E 59 30.93 5.30 -18.35
CA ASN E 59 31.98 5.98 -17.61
C ASN E 59 33.33 5.75 -18.28
N THR E 60 33.78 4.51 -18.28
CA THR E 60 35.05 4.15 -18.90
C THR E 60 34.99 4.45 -20.40
N GLN E 61 33.79 4.40 -20.96
CA GLN E 61 33.60 4.68 -22.38
C GLN E 61 33.97 6.12 -22.69
N LEU E 62 34.27 6.88 -21.65
CA LEU E 62 34.66 8.29 -21.80
C LEU E 62 35.95 8.57 -21.04
N ARG F 7 21.21 -9.40 -22.94
CA ARG F 7 21.35 -7.92 -23.14
C ARG F 7 20.70 -7.14 -21.98
N GLY F 8 21.31 -6.03 -21.62
CA GLY F 8 20.78 -5.21 -20.55
C GLY F 8 19.40 -4.69 -20.91
N GLY F 9 19.23 -4.28 -22.17
CA GLY F 9 17.94 -3.76 -22.58
C GLY F 9 16.80 -4.75 -22.31
N ILE F 10 16.99 -6.00 -22.71
CA ILE F 10 15.97 -7.02 -22.50
C ILE F 10 15.69 -7.23 -21.01
N ASP F 11 16.74 -7.40 -20.23
CA ASP F 11 16.57 -7.65 -18.81
C ASP F 11 15.88 -6.52 -18.07
N ILE F 12 16.22 -5.28 -18.41
CA ILE F 12 15.58 -4.15 -17.77
C ILE F 12 14.12 -4.17 -18.20
N SER F 13 13.86 -4.51 -19.47
CA SER F 13 12.48 -4.57 -19.95
C SER F 13 11.71 -5.64 -19.18
N THR F 14 12.40 -6.74 -18.88
CA THR F 14 11.77 -7.83 -18.15
C THR F 14 11.50 -7.39 -16.71
N GLU F 15 12.45 -6.67 -16.14
CA GLU F 15 12.30 -6.16 -14.78
C GLU F 15 11.08 -5.24 -14.71
N LEU F 16 10.96 -4.34 -15.68
CA LEU F 16 9.82 -3.41 -15.73
C LEU F 16 8.50 -4.14 -15.92
N SER F 17 8.52 -5.26 -16.62
CA SER F 17 7.30 -6.04 -16.81
C SER F 17 6.92 -6.69 -15.48
N LYS F 18 7.93 -7.05 -14.69
CA LYS F 18 7.67 -7.66 -13.39
C LYS F 18 6.94 -6.59 -12.56
N VAL F 19 7.45 -5.37 -12.62
CA VAL F 19 6.88 -4.24 -11.89
C VAL F 19 5.41 -4.08 -12.20
N ASN F 20 5.11 -3.99 -13.49
CA ASN F 20 3.74 -3.81 -13.97
C ASN F 20 2.81 -4.94 -13.54
N ALA F 21 3.34 -6.16 -13.50
CA ALA F 21 2.53 -7.32 -13.09
C ALA F 21 2.21 -7.20 -11.60
N SER F 22 3.18 -6.75 -10.82
CA SER F 22 2.97 -6.58 -9.39
C SER F 22 1.88 -5.54 -9.15
N LEU F 23 2.00 -4.41 -9.84
CA LEU F 23 1.04 -3.34 -9.69
C LEU F 23 -0.37 -3.76 -10.08
N GLN F 24 -0.48 -4.59 -11.11
CA GLN F 24 -1.79 -5.06 -11.54
C GLN F 24 -2.30 -6.00 -10.46
N ASN F 25 -1.40 -6.72 -9.83
CA ASN F 25 -1.79 -7.64 -8.77
C ASN F 25 -2.36 -6.83 -7.59
N THR F 26 -1.77 -5.67 -7.35
CA THR F 26 -2.24 -4.78 -6.28
C THR F 26 -3.68 -4.38 -6.52
N VAL F 27 -3.99 -3.94 -7.74
CA VAL F 27 -5.33 -3.53 -8.12
C VAL F 27 -6.28 -4.72 -7.91
N LYS F 28 -5.81 -5.91 -8.23
CA LYS F 28 -6.60 -7.10 -8.05
C LYS F 28 -6.97 -7.25 -6.57
N TYR F 29 -5.99 -7.14 -5.68
CA TYR F 29 -6.27 -7.26 -4.25
C TYR F 29 -7.12 -6.13 -3.71
N ILE F 30 -6.92 -4.90 -4.21
CA ILE F 30 -7.73 -3.79 -3.77
C ILE F 30 -9.17 -4.14 -4.14
N LYS F 31 -9.36 -4.72 -5.31
CA LYS F 31 -10.70 -5.11 -5.75
C LYS F 31 -11.30 -6.13 -4.79
N GLU F 32 -10.54 -7.17 -4.48
CA GLU F 32 -10.99 -8.19 -3.54
C GLU F 32 -11.31 -7.55 -2.19
N SER F 33 -10.46 -6.63 -1.74
CA SER F 33 -10.71 -5.97 -0.47
C SER F 33 -12.06 -5.24 -0.46
N ASN F 34 -12.34 -4.49 -1.52
CA ASN F 34 -13.61 -3.75 -1.60
C ASN F 34 -14.79 -4.69 -1.78
N HIS F 35 -14.55 -5.82 -2.42
CA HIS F 35 -15.62 -6.79 -2.63
C HIS F 35 -16.05 -7.36 -1.29
N GLN F 36 -15.07 -7.58 -0.41
CA GLN F 36 -15.35 -8.11 0.91
C GLN F 36 -16.12 -7.11 1.77
N LEU F 37 -15.83 -5.82 1.59
CA LEU F 37 -16.50 -4.79 2.36
C LEU F 37 -17.96 -4.66 1.95
N GLN F 38 -18.35 -5.29 0.85
CA GLN F 38 -19.73 -5.26 0.40
C GLN F 38 -20.57 -6.17 1.30
N SER F 39 -19.89 -6.97 2.13
CA SER F 39 -20.55 -7.88 3.08
C SER F 39 -20.55 -7.24 4.45
N VAL F 40 -20.02 -6.01 4.54
CA VAL F 40 -19.99 -5.29 5.80
C VAL F 40 -21.21 -4.39 5.80
N ILE F 41 -22.31 -4.90 6.34
CA ILE F 41 -23.57 -4.17 6.39
C ILE F 41 -24.20 -4.33 7.78
N VAL F 42 -23.83 -3.45 8.71
CA VAL F 42 -24.37 -3.56 10.05
C VAL F 42 -25.05 -2.30 10.56
#